data_4N7Q
#
_entry.id   4N7Q
#
_cell.length_a   107.000
_cell.length_b   107.000
_cell.length_c   88.300
_cell.angle_alpha   90.00
_cell.angle_beta   90.00
_cell.angle_gamma   120.00
#
_symmetry.space_group_name_H-M   'P 32 2 1'
#
loop_
_entity.id
_entity.type
_entity.pdbx_description
1 polymer 'Phosphomethylpyrimidine synthase, chloroplastic'
2 non-polymer HEXANE-1,6-DIOL
3 non-polymer 'COBALT (II) ION'
4 water water
#
_entity_poly.entity_id   1
_entity_poly.type   'polypeptide(L)'
_entity_poly.pdbx_seq_one_letter_code
;MKHTIDPSSPDFQPIPSFEECFPKSTKEHKEVVHEESGHVLKVPFRRVHLSGGEPAFDNYDTSGPQNVNAHIGLAKLRKE
WIDRREKLGTPRYTQMYYAKQGIITEEMLYCATREKLDPEFVRSEVARGRAIIPSNKKHLELEPMIVGRKFLVKVNANIG
NSAVASSIEEEVYKVQWATMWGADTIMDLSTGRHIHETREWILRNSAVPVGTVPIYQALEKVDGIAENLNWEVFRETLIE
QAEQGVDYFTIHAGVLLRYIPLTAKRLTGIVSRGGSIHAKWCLAYHKENFAYEHWDDILDICNQYDVALSIGDGLRPGSI
YDANDTAQFAELLTQGELTRRAWEKDVQVMNEGPGHVPMHKIPENMQKQLEWCNEAPFYTLGPLTTDIAPGYDHITSAIG
AANIGALGTALLCYVTPKEHLGLPNRDDVKAGVIAYKIAAHAADLAKQHPHAQAWDDALSKARFEFRWMDQFALSLDPMT
AMSFHDETLPADGAKVAHFCSMCGPKFCSMKITEDIRKYAEENGYGSAEEAIRQGMDAMSEEFNIAKKTISGEQHGEVGG
EIYLPESYVKAAQKLEHHHHHH
;
_entity_poly.pdbx_strand_id   A
#
loop_
_chem_comp.id
_chem_comp.type
_chem_comp.name
_chem_comp.formula
CO non-polymer 'COBALT (II) ION' 'Co 2'
HEZ non-polymer HEXANE-1,6-DIOL 'C6 H14 O2'
#
# COMPACT_ATOMS: atom_id res chain seq x y z
N ILE A 15 2.47 25.18 7.43
CA ILE A 15 2.96 23.80 7.36
C ILE A 15 3.56 23.38 8.68
N PRO A 16 2.90 22.45 9.38
CA PRO A 16 3.48 22.00 10.66
C PRO A 16 4.67 21.09 10.43
N SER A 17 5.65 21.16 11.33
CA SER A 17 6.81 20.29 11.29
C SER A 17 6.47 18.98 12.00
N PHE A 18 7.36 18.00 11.91
CA PHE A 18 7.23 16.77 12.68
C PHE A 18 7.06 17.08 14.16
N GLU A 19 7.85 18.01 14.67
CA GLU A 19 7.83 18.37 16.09
C GLU A 19 6.48 18.98 16.50
N GLU A 20 5.86 19.70 15.59
CA GLU A 20 4.58 20.32 15.86
C GLU A 20 3.44 19.32 15.76
N CYS A 21 3.62 18.31 14.90
CA CYS A 21 2.61 17.27 14.75
C CYS A 21 2.66 16.28 15.91
N PHE A 22 3.86 16.07 16.42
CA PHE A 22 4.08 15.08 17.47
C PHE A 22 4.96 15.63 18.59
N PRO A 23 4.38 16.53 19.41
CA PRO A 23 5.10 17.09 20.55
C PRO A 23 5.56 15.98 21.48
N LYS A 24 6.77 16.12 22.03
CA LYS A 24 7.40 15.12 22.90
C LYS A 24 7.91 13.87 22.19
N SER A 25 7.79 13.81 20.86
CA SER A 25 8.36 12.71 20.08
C SER A 25 9.69 13.11 19.44
N THR A 26 10.59 12.14 19.33
CA THR A 26 11.81 12.29 18.53
C THR A 26 11.90 11.20 17.48
N LYS A 27 12.54 11.50 16.36
CA LYS A 27 12.81 10.47 15.37
C LYS A 27 14.10 9.78 15.76
N GLU A 28 14.07 8.45 15.81
CA GLU A 28 15.22 7.67 16.19
C GLU A 28 15.47 6.60 15.13
N HIS A 29 16.61 5.91 15.23
CA HIS A 29 16.89 4.80 14.35
C HIS A 29 17.50 3.66 15.16
N LYS A 30 17.05 2.44 14.90
CA LYS A 30 17.66 1.25 15.50
C LYS A 30 18.70 0.72 14.52
N GLU A 31 19.95 0.62 14.96
CA GLU A 31 21.00 0.14 14.08
C GLU A 31 21.21 -1.38 14.22
N VAL A 32 21.19 -2.07 13.09
CA VAL A 32 21.47 -3.51 13.05
C VAL A 32 22.42 -3.80 11.90
N VAL A 33 23.19 -4.88 12.03
CA VAL A 33 24.15 -5.24 10.98
C VAL A 33 23.62 -6.42 10.18
N HIS A 34 23.63 -6.28 8.86
CA HIS A 34 23.28 -7.38 7.98
C HIS A 34 24.49 -8.29 7.88
N GLU A 35 24.41 -9.48 8.50
CA GLU A 35 25.58 -10.34 8.70
C GLU A 35 26.32 -10.67 7.41
N GLU A 36 25.57 -11.07 6.39
N GLU A 36 25.54 -11.02 6.40
CA GLU A 36 26.18 -11.55 5.14
CA GLU A 36 26.04 -11.53 5.14
C GLU A 36 27.00 -10.49 4.41
C GLU A 36 26.90 -10.52 4.36
N SER A 37 26.56 -9.25 4.47
CA SER A 37 27.22 -8.18 3.71
C SER A 37 28.04 -7.25 4.58
N GLY A 38 27.72 -7.20 5.87
CA GLY A 38 28.33 -6.21 6.76
C GLY A 38 27.73 -4.82 6.65
N HIS A 39 26.66 -4.67 5.86
CA HIS A 39 26.00 -3.38 5.75
C HIS A 39 25.26 -3.03 7.04
N VAL A 40 25.38 -1.78 7.47
CA VAL A 40 24.69 -1.30 8.66
C VAL A 40 23.37 -0.66 8.26
N LEU A 41 22.27 -1.11 8.87
CA LEU A 41 20.94 -0.63 8.53
C LEU A 41 20.48 0.28 9.67
N LYS A 42 19.77 1.36 9.35
CA LYS A 42 19.26 2.27 10.38
C LYS A 42 17.75 2.34 10.26
N VAL A 43 17.07 1.54 11.09
CA VAL A 43 15.63 1.32 10.94
C VAL A 43 14.91 2.35 11.79
N PRO A 44 14.01 3.13 11.15
CA PRO A 44 13.39 4.28 11.85
C PRO A 44 12.31 3.88 12.85
N PHE A 45 12.20 4.69 13.90
CA PHE A 45 11.07 4.61 14.81
C PHE A 45 10.84 5.97 15.48
N ARG A 46 9.70 6.13 16.13
N ARG A 46 9.67 6.14 16.09
CA ARG A 46 9.39 7.38 16.82
CA ARG A 46 9.37 7.34 16.86
C ARG A 46 9.35 7.10 18.33
C ARG A 46 9.48 7.00 18.33
N ARG A 47 10.11 7.88 19.10
CA ARG A 47 10.13 7.70 20.55
C ARG A 47 9.33 8.80 21.23
N VAL A 48 8.31 8.42 21.99
CA VAL A 48 7.49 9.40 22.68
C VAL A 48 8.01 9.52 24.10
N HIS A 49 8.49 10.71 24.46
CA HIS A 49 9.09 10.90 25.79
C HIS A 49 8.03 11.26 26.83
N LEU A 50 7.97 10.49 27.91
CA LEU A 50 6.88 10.60 28.87
C LEU A 50 7.36 11.13 30.22
N SER A 51 6.41 11.52 31.07
CA SER A 51 6.75 12.07 32.38
C SER A 51 6.51 11.05 33.50
N GLY A 52 6.74 11.49 34.74
CA GLY A 52 6.37 10.69 35.91
C GLY A 52 7.07 9.35 36.01
N GLY A 53 8.28 9.28 35.46
CA GLY A 53 9.08 8.06 35.52
C GLY A 53 8.61 6.93 34.60
N GLU A 54 7.70 7.24 33.68
CA GLU A 54 7.33 6.24 32.69
C GLU A 54 8.45 6.08 31.68
N PRO A 55 8.70 4.84 31.23
CA PRO A 55 9.69 4.66 30.16
C PRO A 55 9.17 5.27 28.87
N ALA A 56 10.09 5.72 28.01
CA ALA A 56 9.68 6.28 26.73
C ALA A 56 9.00 5.19 25.92
N PHE A 57 8.05 5.58 25.08
CA PHE A 57 7.29 4.61 24.29
C PHE A 57 7.71 4.68 22.84
N ASP A 58 8.12 3.54 22.28
CA ASP A 58 8.64 3.52 20.91
C ASP A 58 7.58 3.03 19.94
N ASN A 59 7.32 3.82 18.91
CA ASN A 59 6.29 3.45 17.94
C ASN A 59 6.84 3.37 16.53
N TYR A 60 6.02 2.83 15.63
CA TYR A 60 6.37 2.70 14.22
C TYR A 60 6.44 4.11 13.62
N ASP A 61 7.27 4.31 12.60
CA ASP A 61 7.42 5.63 11.98
C ASP A 61 7.61 5.53 10.47
N THR A 62 6.64 6.04 9.69
CA THR A 62 6.79 6.05 8.23
C THR A 62 7.12 7.43 7.67
N SER A 63 7.20 8.43 8.55
CA SER A 63 7.30 9.82 8.12
C SER A 63 8.55 10.14 7.29
N GLY A 64 9.59 9.32 7.41
CA GLY A 64 10.77 9.46 6.59
C GLY A 64 11.67 10.63 6.99
N PRO A 65 12.80 10.79 6.29
CA PRO A 65 13.72 11.91 6.55
C PRO A 65 13.03 13.27 6.41
N GLN A 66 13.29 14.17 7.36
CA GLN A 66 12.62 15.46 7.38
C GLN A 66 13.47 16.60 6.81
N ASN A 67 12.79 17.61 6.26
CA ASN A 67 13.42 18.82 5.76
C ASN A 67 14.46 18.59 4.66
N VAL A 68 14.24 17.61 3.80
CA VAL A 68 15.10 17.38 2.65
C VAL A 68 14.59 18.15 1.43
N ASN A 69 15.50 18.91 0.80
CA ASN A 69 15.21 19.64 -0.44
C ASN A 69 14.71 18.69 -1.53
N ALA A 70 13.52 18.97 -2.04
CA ALA A 70 12.88 18.09 -3.03
C ALA A 70 13.65 18.05 -4.34
N HIS A 71 14.36 19.13 -4.66
CA HIS A 71 15.18 19.19 -5.88
C HIS A 71 16.39 18.27 -5.82
N ILE A 72 16.78 17.89 -4.60
CA ILE A 72 17.93 17.02 -4.38
C ILE A 72 17.45 15.58 -4.21
N GLY A 73 16.36 15.42 -3.47
CA GLY A 73 15.77 14.11 -3.23
C GLY A 73 16.36 13.45 -1.99
N LEU A 74 15.75 12.34 -1.57
CA LEU A 74 16.20 11.64 -0.38
C LEU A 74 17.52 10.90 -0.59
N ALA A 75 18.20 10.58 0.50
CA ALA A 75 19.41 9.76 0.45
C ALA A 75 19.11 8.41 -0.17
N LYS A 76 20.04 7.91 -0.97
CA LYS A 76 19.84 6.62 -1.65
C LYS A 76 20.31 5.48 -0.75
N LEU A 77 19.56 5.25 0.34
CA LEU A 77 19.99 4.37 1.42
C LEU A 77 20.23 2.92 1.01
N ARG A 78 19.56 2.49 -0.06
CA ARG A 78 19.67 1.09 -0.50
C ARG A 78 20.77 0.86 -1.54
N LYS A 79 21.49 1.91 -1.93
CA LYS A 79 22.46 1.81 -3.04
C LYS A 79 23.49 0.67 -2.90
N GLU A 80 24.17 0.59 -1.75
N GLU A 80 24.12 0.59 -1.73
CA GLU A 80 25.19 -0.45 -1.63
CA GLU A 80 25.17 -0.40 -1.52
C GLU A 80 24.62 -1.86 -1.53
C GLU A 80 24.62 -1.82 -1.50
N TRP A 81 23.35 -1.96 -1.12
CA TRP A 81 22.70 -3.27 -1.09
C TRP A 81 22.51 -3.75 -2.53
N ILE A 82 21.93 -2.88 -3.36
CA ILE A 82 21.63 -3.21 -4.74
C ILE A 82 22.92 -3.43 -5.54
N ASP A 83 23.90 -2.57 -5.32
CA ASP A 83 25.19 -2.70 -6.02
C ASP A 83 25.88 -4.03 -5.70
N ARG A 84 25.86 -4.43 -4.43
CA ARG A 84 26.50 -5.67 -4.03
C ARG A 84 25.83 -6.88 -4.68
N ARG A 85 24.50 -6.88 -4.69
CA ARG A 85 23.78 -8.00 -5.30
C ARG A 85 24.04 -8.07 -6.81
N GLU A 86 24.15 -6.91 -7.45
CA GLU A 86 24.48 -6.90 -8.88
C GLU A 86 25.88 -7.47 -9.13
N LYS A 87 26.83 -7.11 -8.28
CA LYS A 87 28.20 -7.63 -8.43
C LYS A 87 28.29 -9.13 -8.19
N LEU A 88 27.49 -9.64 -7.26
CA LEU A 88 27.47 -11.08 -7.02
C LEU A 88 26.90 -11.80 -8.23
N GLY A 89 25.94 -11.16 -8.89
CA GLY A 89 25.28 -11.75 -10.05
C GLY A 89 24.08 -12.60 -9.64
N THR A 90 22.96 -12.45 -10.35
CA THR A 90 21.76 -13.19 -10.02
C THR A 90 20.83 -13.24 -11.23
N PRO A 91 20.11 -14.37 -11.42
CA PRO A 91 19.18 -14.47 -12.55
C PRO A 91 17.88 -13.69 -12.34
N ARG A 92 17.46 -13.49 -11.09
CA ARG A 92 16.25 -12.75 -10.77
C ARG A 92 16.54 -11.85 -9.58
N TYR A 93 15.77 -10.76 -9.43
CA TYR A 93 16.11 -9.72 -8.47
C TYR A 93 15.04 -9.53 -7.38
N THR A 94 14.11 -10.47 -7.27
CA THR A 94 12.97 -10.28 -6.36
C THR A 94 13.25 -10.79 -4.96
N GLN A 95 12.60 -10.19 -3.96
CA GLN A 95 12.73 -10.69 -2.60
C GLN A 95 12.26 -12.13 -2.48
N MET A 96 11.26 -12.51 -3.25
CA MET A 96 10.82 -13.91 -3.22
C MET A 96 11.91 -14.85 -3.76
N TYR A 97 12.59 -14.45 -4.83
CA TYR A 97 13.66 -15.28 -5.36
C TYR A 97 14.76 -15.47 -4.32
N TYR A 98 15.20 -14.36 -3.73
CA TYR A 98 16.22 -14.44 -2.69
C TYR A 98 15.75 -15.31 -1.52
N ALA A 99 14.52 -15.10 -1.06
CA ALA A 99 13.98 -15.89 0.05
C ALA A 99 13.99 -17.40 -0.24
N LYS A 100 13.56 -17.79 -1.43
CA LYS A 100 13.55 -19.21 -1.81
C LYS A 100 14.94 -19.81 -1.91
N GLN A 101 15.95 -18.97 -2.09
CA GLN A 101 17.34 -19.44 -2.11
C GLN A 101 17.90 -19.57 -0.71
N GLY A 102 17.09 -19.21 0.29
CA GLY A 102 17.54 -19.24 1.68
C GLY A 102 18.33 -18.01 2.10
N ILE A 103 18.26 -16.96 1.29
CA ILE A 103 19.02 -15.75 1.56
C ILE A 103 18.19 -14.76 2.35
N ILE A 104 18.74 -14.26 3.46
CA ILE A 104 18.14 -13.14 4.18
C ILE A 104 18.79 -11.86 3.68
N THR A 105 18.00 -11.04 2.99
CA THR A 105 18.49 -9.78 2.43
C THR A 105 18.47 -8.64 3.45
N GLU A 106 19.13 -7.54 3.12
CA GLU A 106 19.01 -6.31 3.92
C GLU A 106 17.55 -5.92 4.08
N GLU A 107 16.77 -5.99 3.01
CA GLU A 107 15.35 -5.65 3.07
C GLU A 107 14.61 -6.49 4.12
N MET A 108 14.88 -7.80 4.14
CA MET A 108 14.22 -8.68 5.09
C MET A 108 14.62 -8.38 6.52
N LEU A 109 15.91 -8.18 6.74
CA LEU A 109 16.38 -7.81 8.08
C LEU A 109 15.82 -6.47 8.53
N TYR A 110 15.72 -5.52 7.60
CA TYR A 110 15.18 -4.19 7.92
C TYR A 110 13.73 -4.33 8.37
N CYS A 111 12.94 -5.10 7.61
CA CYS A 111 11.53 -5.31 7.95
C CYS A 111 11.37 -6.07 9.26
N ALA A 112 12.20 -7.09 9.46
CA ALA A 112 12.15 -7.87 10.69
C ALA A 112 12.38 -6.97 11.91
N THR A 113 13.37 -6.08 11.81
CA THR A 113 13.68 -5.16 12.89
C THR A 113 12.51 -4.21 13.14
N ARG A 114 11.93 -3.71 12.05
CA ARG A 114 10.83 -2.76 12.10
C ARG A 114 9.56 -3.36 12.70
N GLU A 115 9.42 -4.68 12.56
CA GLU A 115 8.25 -5.42 13.04
C GLU A 115 8.54 -6.11 14.36
N LYS A 116 9.77 -6.00 14.86
CA LYS A 116 10.20 -6.69 16.08
C LYS A 116 9.98 -8.20 15.98
N LEU A 117 10.30 -8.77 14.82
CA LEU A 117 10.20 -10.23 14.61
C LEU A 117 11.52 -10.78 14.05
N ASP A 118 11.62 -12.11 13.98
CA ASP A 118 12.85 -12.77 13.54
C ASP A 118 13.06 -12.65 12.03
N PRO A 119 14.30 -12.37 11.59
CA PRO A 119 14.59 -12.31 10.16
C PRO A 119 14.24 -13.58 9.39
N GLU A 120 14.49 -14.76 9.98
CA GLU A 120 14.10 -16.02 9.35
C GLU A 120 12.59 -16.11 9.13
N PHE A 121 11.81 -15.60 10.09
CA PHE A 121 10.36 -15.59 9.97
C PHE A 121 9.94 -14.73 8.78
N VAL A 122 10.55 -13.55 8.66
CA VAL A 122 10.30 -12.70 7.49
C VAL A 122 10.65 -13.43 6.19
N ARG A 123 11.83 -14.06 6.16
CA ARG A 123 12.25 -14.79 4.97
C ARG A 123 11.24 -15.88 4.61
N SER A 124 10.79 -16.62 5.63
CA SER A 124 9.81 -17.69 5.44
C SER A 124 8.51 -17.17 4.86
N GLU A 125 7.98 -16.09 5.43
CA GLU A 125 6.72 -15.52 4.97
C GLU A 125 6.80 -15.05 3.51
N VAL A 126 7.89 -14.38 3.16
CA VAL A 126 8.11 -13.95 1.78
C VAL A 126 8.26 -15.14 0.83
N ALA A 127 9.06 -16.13 1.22
CA ALA A 127 9.25 -17.30 0.36
C ALA A 127 7.95 -18.06 0.06
N ARG A 128 7.06 -18.15 1.06
CA ARG A 128 5.81 -18.89 0.89
C ARG A 128 4.72 -18.05 0.20
N GLY A 129 5.00 -16.76 0.00
CA GLY A 129 4.08 -15.90 -0.73
C GLY A 129 3.04 -15.25 0.18
N ARG A 130 3.21 -15.39 1.49
CA ARG A 130 2.21 -14.91 2.46
C ARG A 130 2.53 -13.50 2.94
N ALA A 131 3.67 -12.98 2.49
CA ALA A 131 4.02 -11.58 2.74
C ALA A 131 4.83 -11.06 1.59
N ILE A 132 4.76 -9.75 1.35
CA ILE A 132 5.60 -9.14 0.31
C ILE A 132 6.35 -7.94 0.85
N ILE A 133 7.51 -7.67 0.26
CA ILE A 133 8.30 -6.48 0.55
C ILE A 133 8.44 -5.68 -0.75
N PRO A 134 7.51 -4.75 -1.00
CA PRO A 134 7.50 -4.02 -2.29
C PRO A 134 8.71 -3.09 -2.34
N SER A 135 9.67 -3.40 -3.19
CA SER A 135 10.99 -2.77 -3.09
C SER A 135 11.78 -2.85 -4.39
N ASN A 136 11.25 -2.23 -5.44
CA ASN A 136 11.94 -2.09 -6.73
C ASN A 136 13.38 -1.63 -6.49
N LYS A 137 14.33 -2.33 -7.12
CA LYS A 137 15.74 -2.01 -6.95
C LYS A 137 16.10 -0.59 -7.40
N LYS A 138 15.23 0.04 -8.19
CA LYS A 138 15.43 1.42 -8.64
C LYS A 138 14.87 2.45 -7.65
N HIS A 139 14.13 2.00 -6.63
CA HIS A 139 13.66 2.91 -5.59
C HIS A 139 14.66 2.88 -4.44
N LEU A 140 15.81 3.50 -4.66
CA LEU A 140 16.91 3.43 -3.70
C LEU A 140 16.61 4.20 -2.40
N GLU A 141 15.65 5.12 -2.45
CA GLU A 141 15.30 5.99 -1.33
C GLU A 141 14.40 5.33 -0.30
N LEU A 142 13.87 4.15 -0.66
CA LEU A 142 12.90 3.42 0.14
C LEU A 142 13.44 2.90 1.47
N GLU A 143 12.70 3.17 2.55
CA GLU A 143 12.87 2.47 3.81
C GLU A 143 11.97 1.22 3.77
N PRO A 144 12.57 0.03 3.71
CA PRO A 144 11.76 -1.19 3.50
C PRO A 144 10.67 -1.44 4.54
N MET A 145 9.55 -1.96 4.05
CA MET A 145 8.40 -2.32 4.91
C MET A 145 7.81 -3.61 4.35
N ILE A 146 7.05 -4.33 5.18
CA ILE A 146 6.49 -5.60 4.75
C ILE A 146 4.97 -5.57 4.89
N VAL A 147 4.30 -6.24 3.96
CA VAL A 147 2.85 -6.37 3.95
C VAL A 147 2.49 -7.86 4.06
N GLY A 148 1.75 -8.23 5.10
CA GLY A 148 1.33 -9.61 5.25
C GLY A 148 0.54 -9.84 6.51
N ARG A 149 -0.28 -10.90 6.52
CA ARG A 149 -1.19 -11.17 7.65
C ARG A 149 -0.45 -11.35 8.97
N LYS A 150 0.79 -11.83 8.90
CA LYS A 150 1.56 -12.06 10.13
C LYS A 150 2.24 -10.81 10.67
N PHE A 151 2.04 -9.67 10.01
CA PHE A 151 2.74 -8.44 10.39
C PHE A 151 1.71 -7.38 10.78
N LEU A 152 2.17 -6.19 11.13
CA LEU A 152 1.24 -5.07 11.43
C LEU A 152 0.36 -4.80 10.22
N VAL A 153 -0.92 -4.53 10.44
CA VAL A 153 -1.80 -4.16 9.34
C VAL A 153 -1.37 -2.80 8.79
N LYS A 154 -1.26 -2.69 7.47
CA LYS A 154 -0.71 -1.49 6.84
C LYS A 154 -1.78 -0.69 6.12
N VAL A 155 -1.50 0.59 5.90
CA VAL A 155 -2.43 1.53 5.29
C VAL A 155 -1.84 2.17 4.03
N ASN A 156 -2.60 2.18 2.93
CA ASN A 156 -2.20 2.90 1.72
C ASN A 156 -2.98 4.19 1.55
N ALA A 157 -2.28 5.25 1.15
CA ALA A 157 -2.94 6.51 0.78
C ALA A 157 -2.71 6.81 -0.70
N ASN A 158 -3.71 7.40 -1.34
CA ASN A 158 -3.59 7.70 -2.76
C ASN A 158 -3.29 9.17 -2.98
N ILE A 159 -2.48 9.46 -3.99
CA ILE A 159 -2.24 10.84 -4.41
C ILE A 159 -2.56 10.93 -5.89
N GLY A 160 -2.82 12.14 -6.38
CA GLY A 160 -3.13 12.29 -7.79
C GLY A 160 -3.11 13.74 -8.22
N ASN A 161 -3.90 14.06 -9.23
CA ASN A 161 -3.96 15.41 -9.77
C ASN A 161 -4.70 16.37 -8.84
N SER A 162 -4.12 17.55 -8.61
CA SER A 162 -4.85 18.63 -7.96
C SER A 162 -5.60 19.35 -9.06
N ALA A 163 -6.69 20.02 -8.70
CA ALA A 163 -7.48 20.78 -9.66
C ALA A 163 -6.61 21.76 -10.44
N VAL A 164 -5.57 22.26 -9.79
CA VAL A 164 -4.57 23.11 -10.43
C VAL A 164 -3.18 22.47 -10.32
N ALA A 165 -2.45 22.49 -11.43
CA ALA A 165 -1.09 21.95 -11.51
C ALA A 165 -0.22 22.30 -10.31
N SER A 166 0.47 21.29 -9.79
CA SER A 166 1.30 21.44 -8.59
C SER A 166 2.76 21.70 -8.93
N SER A 167 3.44 22.46 -8.08
CA SER A 167 4.89 22.59 -8.16
C SER A 167 5.53 21.34 -7.55
N ILE A 168 6.85 21.22 -7.63
CA ILE A 168 7.51 20.05 -7.06
C ILE A 168 7.33 19.96 -5.54
N GLU A 169 7.50 21.08 -4.85
CA GLU A 169 7.28 21.12 -3.41
C GLU A 169 5.85 20.72 -3.05
N GLU A 170 4.88 21.18 -3.84
N GLU A 170 4.88 21.18 -3.84
CA GLU A 170 3.47 20.88 -3.60
CA GLU A 170 3.48 20.87 -3.59
C GLU A 170 3.16 19.41 -3.84
C GLU A 170 3.17 19.40 -3.82
N GLU A 171 3.74 18.84 -4.88
CA GLU A 171 3.55 17.44 -5.22
C GLU A 171 4.13 16.52 -4.14
N VAL A 172 5.39 16.77 -3.80
CA VAL A 172 6.07 15.99 -2.76
C VAL A 172 5.37 16.15 -1.39
N TYR A 173 4.82 17.32 -1.11
CA TYR A 173 4.11 17.52 0.16
C TYR A 173 2.93 16.56 0.33
N LYS A 174 2.31 16.13 -0.77
CA LYS A 174 1.22 15.16 -0.66
C LYS A 174 1.70 13.87 0.01
N VAL A 175 2.89 13.42 -0.35
CA VAL A 175 3.46 12.21 0.25
C VAL A 175 3.94 12.47 1.68
N GLN A 176 4.59 13.59 1.89
CA GLN A 176 5.08 13.93 3.23
C GLN A 176 3.93 14.05 4.23
N TRP A 177 2.82 14.63 3.80
CA TRP A 177 1.63 14.80 4.65
C TRP A 177 0.96 13.45 4.98
N ALA A 178 0.73 12.62 3.96
CA ALA A 178 0.04 11.36 4.21
C ALA A 178 0.86 10.46 5.13
N THR A 179 2.17 10.43 4.92
CA THR A 179 3.03 9.57 5.74
C THR A 179 3.24 10.11 7.16
N MET A 180 3.20 11.43 7.33
CA MET A 180 3.29 12.03 8.66
C MET A 180 2.21 11.44 9.58
N TRP A 181 1.02 11.20 9.02
CA TRP A 181 -0.09 10.70 9.83
C TRP A 181 -0.15 9.19 9.88
N GLY A 182 0.72 8.51 9.14
CA GLY A 182 0.83 7.06 9.27
C GLY A 182 0.66 6.22 8.02
N ALA A 183 0.49 6.84 6.86
CA ALA A 183 0.37 6.05 5.63
C ALA A 183 1.64 5.20 5.43
N ASP A 184 1.44 3.93 5.10
CA ASP A 184 2.57 2.98 4.97
C ASP A 184 3.02 2.84 3.53
N THR A 185 2.08 3.01 2.60
CA THR A 185 2.39 3.05 1.18
C THR A 185 1.60 4.18 0.54
N ILE A 186 2.04 4.57 -0.66
CA ILE A 186 1.33 5.55 -1.48
C ILE A 186 1.06 4.94 -2.85
N MET A 187 -0.07 5.30 -3.46
CA MET A 187 -0.25 5.07 -4.88
C MET A 187 -0.34 6.39 -5.62
N ASP A 188 0.46 6.54 -6.68
CA ASP A 188 0.41 7.74 -7.51
C ASP A 188 -0.54 7.48 -8.68
N LEU A 189 -1.75 8.01 -8.58
CA LEU A 189 -2.82 7.76 -9.54
C LEU A 189 -2.98 8.90 -10.55
N SER A 190 -1.91 9.67 -10.75
CA SER A 190 -1.96 10.83 -11.62
C SER A 190 -2.33 10.46 -13.05
N THR A 191 -3.06 11.36 -13.70
CA THR A 191 -3.37 11.25 -15.12
C THR A 191 -2.93 12.56 -15.77
N GLY A 192 -3.08 12.68 -17.09
CA GLY A 192 -2.71 13.91 -17.76
C GLY A 192 -1.34 13.93 -18.41
N ARG A 193 -0.85 15.12 -18.75
CA ARG A 193 0.32 15.25 -19.64
C ARG A 193 1.70 15.21 -18.97
N HIS A 194 1.74 15.21 -17.64
CA HIS A 194 3.02 15.26 -16.94
C HIS A 194 3.23 14.10 -15.98
N ILE A 195 2.66 12.94 -16.33
CA ILE A 195 2.69 11.78 -15.46
C ILE A 195 4.11 11.35 -15.09
N HIS A 196 4.99 11.25 -16.08
CA HIS A 196 6.34 10.76 -15.84
C HIS A 196 7.12 11.69 -14.92
N GLU A 197 7.05 12.98 -15.20
CA GLU A 197 7.83 13.96 -14.46
C GLU A 197 7.44 14.06 -12.98
N THR A 198 6.14 14.12 -12.72
CA THR A 198 5.69 14.21 -11.33
C THR A 198 5.95 12.91 -10.58
N ARG A 199 5.86 11.78 -11.26
CA ARG A 199 6.14 10.51 -10.59
C ARG A 199 7.62 10.41 -10.24
N GLU A 200 8.49 10.99 -11.08
CA GLU A 200 9.91 11.08 -10.72
C GLU A 200 10.12 11.90 -9.43
N TRP A 201 9.44 13.05 -9.32
CA TRP A 201 9.54 13.85 -8.10
C TRP A 201 9.10 13.04 -6.87
N ILE A 202 8.01 12.30 -7.01
CA ILE A 202 7.49 11.48 -5.93
C ILE A 202 8.47 10.39 -5.51
N LEU A 203 8.94 9.60 -6.48
CA LEU A 203 9.83 8.48 -6.14
C LEU A 203 11.13 8.90 -5.47
N ARG A 204 11.77 9.94 -6.00
CA ARG A 204 13.06 10.40 -5.46
C ARG A 204 12.87 11.03 -4.07
N ASN A 205 11.63 11.34 -3.73
CA ASN A 205 11.32 11.96 -2.44
C ASN A 205 10.41 11.13 -1.54
N SER A 206 10.24 9.85 -1.85
CA SER A 206 9.41 8.97 -1.04
C SER A 206 10.19 7.89 -0.31
N ALA A 207 10.04 7.85 1.01
CA ALA A 207 10.67 6.81 1.82
C ALA A 207 9.76 5.59 1.94
N VAL A 208 8.51 5.71 1.47
CA VAL A 208 7.58 4.58 1.50
C VAL A 208 7.38 4.00 0.10
N PRO A 209 6.89 2.75 0.02
CA PRO A 209 6.66 2.20 -1.32
C PRO A 209 5.62 3.00 -2.09
N VAL A 210 5.84 3.09 -3.40
CA VAL A 210 4.94 3.82 -4.29
C VAL A 210 4.38 2.85 -5.33
N GLY A 211 3.06 2.77 -5.40
CA GLY A 211 2.41 1.94 -6.41
C GLY A 211 1.75 2.78 -7.51
N THR A 212 1.44 2.13 -8.63
CA THR A 212 0.70 2.81 -9.69
C THR A 212 -0.32 1.84 -10.28
N VAL A 213 -1.23 2.38 -11.07
CA VAL A 213 -2.09 1.57 -11.94
C VAL A 213 -1.63 1.88 -13.36
N PRO A 214 -0.70 1.06 -13.91
CA PRO A 214 -0.09 1.42 -15.20
C PRO A 214 -1.04 1.59 -16.38
N ILE A 215 -2.23 0.97 -16.35
CA ILE A 215 -3.16 1.16 -17.47
C ILE A 215 -3.57 2.63 -17.64
N TYR A 216 -3.50 3.41 -16.55
CA TYR A 216 -3.83 4.85 -16.63
C TYR A 216 -2.88 5.59 -17.57
N GLN A 217 -1.57 5.38 -17.42
CA GLN A 217 -0.61 6.06 -18.27
C GLN A 217 -0.64 5.49 -19.69
N ALA A 218 -0.84 4.18 -19.81
CA ALA A 218 -0.93 3.59 -21.14
C ALA A 218 -2.12 4.20 -21.88
N LEU A 219 -3.21 4.46 -21.17
CA LEU A 219 -4.39 5.08 -21.79
C LEU A 219 -4.06 6.49 -22.28
N GLU A 220 -3.27 7.22 -21.49
N GLU A 220 -3.27 7.21 -21.49
CA GLU A 220 -2.87 8.58 -21.88
CA GLU A 220 -2.83 8.57 -21.86
C GLU A 220 -1.95 8.57 -23.11
C GLU A 220 -1.96 8.56 -23.12
N LYS A 221 -1.11 7.54 -23.23
CA LYS A 221 -0.24 7.40 -24.41
C LYS A 221 -1.02 7.20 -25.70
N VAL A 222 -2.25 6.68 -25.59
CA VAL A 222 -3.11 6.53 -26.77
C VAL A 222 -4.25 7.56 -26.74
N ASP A 223 -3.96 8.70 -26.12
CA ASP A 223 -4.85 9.86 -26.10
C ASP A 223 -6.28 9.61 -25.59
N GLY A 224 -6.40 8.75 -24.59
CA GLY A 224 -7.68 8.52 -23.92
C GLY A 224 -8.64 7.58 -24.64
N ILE A 225 -8.18 6.94 -25.71
CA ILE A 225 -9.04 6.04 -26.49
C ILE A 225 -8.77 4.57 -26.12
N ALA A 226 -9.62 4.01 -25.26
CA ALA A 226 -9.40 2.67 -24.73
C ALA A 226 -9.24 1.63 -25.85
N GLU A 227 -9.96 1.81 -26.94
CA GLU A 227 -9.91 0.88 -28.07
C GLU A 227 -8.54 0.82 -28.74
N ASN A 228 -7.72 1.84 -28.52
CA ASN A 228 -6.38 1.87 -29.11
C ASN A 228 -5.28 1.36 -28.19
N LEU A 229 -5.67 0.93 -26.99
CA LEU A 229 -4.75 0.19 -26.14
C LEU A 229 -4.42 -1.16 -26.79
N ASN A 230 -3.30 -1.74 -26.37
CA ASN A 230 -2.92 -3.10 -26.73
C ASN A 230 -1.77 -3.51 -25.84
N TRP A 231 -1.36 -4.77 -25.93
CA TRP A 231 -0.25 -5.24 -25.10
C TRP A 231 1.01 -4.40 -25.29
N GLU A 232 1.36 -4.10 -26.54
CA GLU A 232 2.60 -3.41 -26.81
C GLU A 232 2.74 -2.06 -26.08
N VAL A 233 1.72 -1.20 -26.15
CA VAL A 233 1.84 0.07 -25.43
C VAL A 233 1.78 -0.14 -23.90
N PHE A 234 1.04 -1.14 -23.44
CA PHE A 234 1.04 -1.49 -22.01
C PHE A 234 2.44 -1.95 -21.56
N ARG A 235 3.06 -2.81 -22.36
CA ARG A 235 4.41 -3.33 -22.09
C ARG A 235 5.41 -2.19 -21.96
N GLU A 236 5.39 -1.26 -22.91
CA GLU A 236 6.28 -0.11 -22.86
C GLU A 236 6.06 0.71 -21.60
N THR A 237 4.80 0.85 -21.21
CA THR A 237 4.46 1.64 -20.03
C THR A 237 4.99 0.96 -18.76
N LEU A 238 4.85 -0.36 -18.68
CA LEU A 238 5.36 -1.11 -17.54
C LEU A 238 6.86 -0.92 -17.36
N ILE A 239 7.62 -1.01 -18.46
CA ILE A 239 9.06 -0.87 -18.39
C ILE A 239 9.46 0.55 -17.98
N GLU A 240 8.79 1.54 -18.55
CA GLU A 240 9.04 2.94 -18.20
C GLU A 240 8.88 3.16 -16.71
N GLN A 241 7.79 2.65 -16.15
CA GLN A 241 7.50 2.86 -14.74
C GLN A 241 8.46 2.05 -13.86
N ALA A 242 8.81 0.85 -14.30
CA ALA A 242 9.72 0.02 -13.51
C ALA A 242 11.09 0.71 -13.43
N GLU A 243 11.52 1.31 -14.54
CA GLU A 243 12.81 1.97 -14.56
C GLU A 243 12.91 3.12 -13.58
N GLN A 244 11.78 3.78 -13.29
CA GLN A 244 11.79 4.92 -12.39
C GLN A 244 11.84 4.47 -10.94
N GLY A 245 11.40 3.24 -10.68
CA GLY A 245 11.37 2.73 -9.31
C GLY A 245 10.03 2.37 -8.73
N VAL A 246 8.98 2.30 -9.55
CA VAL A 246 7.66 1.96 -9.00
C VAL A 246 7.69 0.59 -8.30
N ASP A 247 7.21 0.53 -7.07
CA ASP A 247 7.34 -0.70 -6.26
C ASP A 247 6.25 -1.76 -6.49
N TYR A 248 5.06 -1.34 -6.88
CA TYR A 248 4.02 -2.29 -7.24
C TYR A 248 3.08 -1.75 -8.31
N PHE A 249 2.54 -2.67 -9.11
CA PHE A 249 1.61 -2.33 -10.19
C PHE A 249 0.27 -2.97 -9.87
N THR A 250 -0.79 -2.16 -9.85
CA THR A 250 -2.15 -2.72 -9.91
C THR A 250 -2.44 -3.05 -11.37
N ILE A 251 -2.68 -4.33 -11.66
CA ILE A 251 -3.02 -4.74 -13.02
C ILE A 251 -4.29 -5.60 -12.99
N HIS A 252 -5.29 -5.18 -13.76
CA HIS A 252 -6.60 -5.83 -13.71
C HIS A 252 -6.69 -6.98 -14.71
N ALA A 253 -5.80 -7.95 -14.55
CA ALA A 253 -5.67 -9.06 -15.47
C ALA A 253 -6.75 -10.13 -15.26
N GLY A 254 -7.54 -9.98 -14.20
CA GLY A 254 -8.63 -10.90 -13.92
C GLY A 254 -9.97 -10.48 -14.50
N VAL A 255 -9.99 -9.32 -15.17
CA VAL A 255 -11.21 -8.89 -15.85
C VAL A 255 -11.28 -9.60 -17.20
N LEU A 256 -11.75 -10.85 -17.17
CA LEU A 256 -11.79 -11.67 -18.37
C LEU A 256 -13.03 -11.34 -19.20
N LEU A 257 -12.93 -11.52 -20.50
CA LEU A 257 -14.03 -11.23 -21.43
C LEU A 257 -15.34 -11.88 -20.98
N ARG A 258 -15.28 -13.14 -20.59
CA ARG A 258 -16.48 -13.89 -20.23
C ARG A 258 -17.07 -13.49 -18.87
N TYR A 259 -16.35 -12.69 -18.08
CA TYR A 259 -16.87 -12.22 -16.80
C TYR A 259 -17.68 -10.93 -16.94
N ILE A 260 -17.42 -10.19 -18.00
CA ILE A 260 -18.11 -8.92 -18.22
C ILE A 260 -19.66 -9.02 -18.22
N PRO A 261 -20.23 -10.04 -18.91
CA PRO A 261 -21.69 -10.16 -18.87
C PRO A 261 -22.26 -10.51 -17.49
N LEU A 262 -21.42 -10.99 -16.58
CA LEU A 262 -21.87 -11.31 -15.23
C LEU A 262 -22.25 -10.04 -14.46
N THR A 263 -21.83 -8.89 -14.97
CA THR A 263 -22.12 -7.60 -14.33
C THR A 263 -23.43 -6.97 -14.80
N ALA A 264 -24.12 -7.64 -15.72
CA ALA A 264 -25.27 -7.03 -16.41
C ALA A 264 -26.44 -6.70 -15.50
N LYS A 265 -26.60 -7.46 -14.42
CA LYS A 265 -27.72 -7.26 -13.50
C LYS A 265 -27.33 -6.48 -12.26
N ARG A 266 -26.13 -5.91 -12.26
CA ARG A 266 -25.66 -5.11 -11.12
C ARG A 266 -26.38 -3.78 -10.99
N LEU A 267 -26.38 -3.23 -9.78
CA LEU A 267 -26.93 -1.91 -9.50
C LEU A 267 -25.98 -0.78 -9.90
N THR A 268 -24.69 -0.93 -9.59
CA THR A 268 -23.74 0.11 -9.93
C THR A 268 -22.67 -0.32 -10.97
N GLY A 269 -22.84 -1.50 -11.55
CA GLY A 269 -21.98 -1.94 -12.64
C GLY A 269 -20.50 -2.11 -12.29
N ILE A 270 -19.65 -1.73 -13.23
CA ILE A 270 -18.20 -1.77 -13.01
C ILE A 270 -17.74 -0.40 -12.56
N VAL A 271 -17.30 -0.30 -11.30
CA VAL A 271 -16.92 1.00 -10.74
C VAL A 271 -15.42 1.25 -10.76
N SER A 272 -14.64 0.18 -10.87
CA SER A 272 -13.19 0.32 -10.96
C SER A 272 -12.81 1.02 -12.26
N ARG A 273 -12.02 2.09 -12.17
CA ARG A 273 -11.61 2.76 -13.40
C ARG A 273 -10.76 1.87 -14.32
N GLY A 274 -9.80 1.16 -13.76
CA GLY A 274 -9.01 0.24 -14.56
C GLY A 274 -9.84 -0.90 -15.09
N GLY A 275 -10.76 -1.41 -14.27
CA GLY A 275 -11.63 -2.47 -14.71
C GLY A 275 -12.49 -2.02 -15.87
N SER A 276 -12.97 -0.78 -15.80
CA SER A 276 -13.80 -0.20 -16.86
C SER A 276 -13.03 -0.09 -18.19
N ILE A 277 -11.78 0.35 -18.10
CA ILE A 277 -10.94 0.47 -19.29
C ILE A 277 -10.76 -0.88 -19.97
N HIS A 278 -10.38 -1.90 -19.20
CA HIS A 278 -10.20 -3.25 -19.76
C HIS A 278 -11.49 -3.82 -20.32
N ALA A 279 -12.60 -3.59 -19.62
CA ALA A 279 -13.90 -4.10 -20.09
C ALA A 279 -14.28 -3.48 -21.43
N LYS A 280 -14.03 -2.19 -21.58
CA LYS A 280 -14.35 -1.47 -22.82
C LYS A 280 -13.56 -2.03 -23.99
N TRP A 281 -12.28 -2.28 -23.75
CA TRP A 281 -11.40 -2.81 -24.79
C TRP A 281 -11.84 -4.21 -25.18
N CYS A 282 -12.10 -5.05 -24.18
CA CYS A 282 -12.52 -6.43 -24.43
C CYS A 282 -13.82 -6.48 -25.21
N LEU A 283 -14.78 -5.63 -24.85
CA LEU A 283 -16.08 -5.64 -25.53
C LEU A 283 -15.97 -5.13 -26.96
N ALA A 284 -15.10 -4.14 -27.16
CA ALA A 284 -14.93 -3.56 -28.50
C ALA A 284 -14.46 -4.57 -29.52
N TYR A 285 -13.59 -5.48 -29.10
CA TYR A 285 -12.96 -6.44 -30.01
C TYR A 285 -13.43 -7.88 -29.82
N HIS A 286 -14.19 -8.11 -28.76
CA HIS A 286 -14.52 -9.46 -28.32
C HIS A 286 -13.25 -10.31 -28.21
N LYS A 287 -12.25 -9.76 -27.52
CA LYS A 287 -10.97 -10.42 -27.36
C LYS A 287 -10.66 -10.53 -25.88
N GLU A 288 -9.88 -11.54 -25.52
CA GLU A 288 -9.52 -11.72 -24.13
C GLU A 288 -8.61 -10.59 -23.67
N ASN A 289 -8.78 -10.20 -22.40
CA ASN A 289 -7.95 -9.24 -21.71
C ASN A 289 -6.46 -9.41 -22.04
N PHE A 290 -5.84 -8.36 -22.58
CA PHE A 290 -4.45 -8.49 -23.06
C PHE A 290 -3.42 -8.62 -21.93
N ALA A 291 -3.75 -8.11 -20.74
CA ALA A 291 -2.87 -8.30 -19.59
C ALA A 291 -2.90 -9.76 -19.13
N TYR A 292 -4.09 -10.37 -19.19
CA TYR A 292 -4.20 -11.79 -18.88
C TYR A 292 -3.39 -12.60 -19.91
N GLU A 293 -3.61 -12.32 -21.18
CA GLU A 293 -2.93 -13.08 -22.25
C GLU A 293 -1.42 -12.98 -22.18
N HIS A 294 -0.92 -11.86 -21.68
CA HIS A 294 0.52 -11.62 -21.64
C HIS A 294 1.08 -11.66 -20.23
N TRP A 295 0.40 -12.38 -19.35
CA TRP A 295 0.83 -12.46 -17.95
C TRP A 295 2.28 -12.89 -17.80
N ASP A 296 2.69 -13.93 -18.53
CA ASP A 296 4.06 -14.42 -18.45
C ASP A 296 5.08 -13.34 -18.82
N ASP A 297 4.75 -12.52 -19.82
CA ASP A 297 5.62 -11.44 -20.26
C ASP A 297 5.73 -10.35 -19.21
N ILE A 298 4.64 -10.14 -18.49
CA ILE A 298 4.64 -9.16 -17.40
C ILE A 298 5.55 -9.68 -16.30
N LEU A 299 5.50 -10.98 -16.03
CA LEU A 299 6.38 -11.57 -15.01
C LEU A 299 7.86 -11.39 -15.37
N ASP A 300 8.20 -11.50 -16.66
CA ASP A 300 9.58 -11.31 -17.11
C ASP A 300 10.08 -9.91 -16.78
N ILE A 301 9.20 -8.93 -16.92
CA ILE A 301 9.53 -7.57 -16.56
C ILE A 301 9.74 -7.45 -15.04
N CYS A 302 8.77 -7.94 -14.27
CA CYS A 302 8.79 -7.73 -12.82
C CYS A 302 10.02 -8.31 -12.16
N ASN A 303 10.48 -9.47 -12.62
CA ASN A 303 11.57 -10.07 -11.87
C ASN A 303 12.98 -9.53 -12.17
N GLN A 304 13.09 -8.63 -13.14
CA GLN A 304 14.37 -7.93 -13.35
C GLN A 304 14.52 -6.71 -12.45
N TYR A 305 13.40 -6.20 -11.94
CA TYR A 305 13.42 -5.00 -11.09
C TYR A 305 12.98 -5.27 -9.67
N ASP A 306 12.26 -6.37 -9.46
CA ASP A 306 11.39 -6.59 -8.30
C ASP A 306 10.26 -5.56 -8.22
N VAL A 307 9.36 -5.58 -9.20
CA VAL A 307 8.08 -4.89 -9.04
C VAL A 307 7.09 -5.92 -8.56
N ALA A 308 6.40 -5.62 -7.47
CA ALA A 308 5.38 -6.53 -6.96
C ALA A 308 4.11 -6.33 -7.77
N LEU A 309 3.34 -7.39 -7.96
CA LEU A 309 2.08 -7.30 -8.68
C LEU A 309 0.91 -7.29 -7.71
N SER A 310 0.09 -6.24 -7.79
CA SER A 310 -1.12 -6.13 -6.99
C SER A 310 -2.23 -6.50 -7.95
N ILE A 311 -2.68 -7.74 -7.90
CA ILE A 311 -3.63 -8.20 -8.92
C ILE A 311 -4.97 -7.52 -8.65
N GLY A 312 -5.42 -6.71 -9.59
CA GLY A 312 -6.58 -5.86 -9.37
C GLY A 312 -7.89 -6.59 -9.23
N ASP A 313 -8.86 -5.94 -8.59
CA ASP A 313 -10.22 -6.45 -8.67
C ASP A 313 -11.10 -5.45 -9.44
N GLY A 314 -11.03 -5.58 -10.76
CA GLY A 314 -11.73 -4.66 -11.64
C GLY A 314 -13.23 -4.82 -11.52
N LEU A 315 -13.66 -5.97 -11.01
CA LEU A 315 -15.08 -6.20 -10.81
C LEU A 315 -15.50 -6.04 -9.34
N ARG A 316 -14.77 -5.23 -8.59
N ARG A 316 -14.77 -5.22 -8.59
CA ARG A 316 -15.15 -4.99 -7.20
CA ARG A 316 -15.12 -4.92 -7.21
C ARG A 316 -16.55 -4.37 -7.15
C ARG A 316 -16.53 -4.31 -7.13
N PRO A 317 -17.30 -4.69 -6.09
CA PRO A 317 -18.67 -4.17 -5.95
C PRO A 317 -18.67 -2.71 -5.53
N GLY A 318 -19.48 -1.90 -6.21
CA GLY A 318 -19.56 -0.47 -5.96
C GLY A 318 -20.81 -0.03 -5.22
N SER A 319 -21.58 -1.02 -4.76
CA SER A 319 -22.77 -0.79 -3.93
C SER A 319 -23.00 -2.01 -3.06
N ILE A 320 -23.72 -1.82 -1.95
CA ILE A 320 -24.05 -2.94 -1.07
C ILE A 320 -24.81 -4.02 -1.86
N TYR A 321 -25.68 -3.59 -2.77
CA TYR A 321 -26.49 -4.51 -3.57
C TYR A 321 -25.63 -5.53 -4.33
N ASP A 322 -24.47 -5.07 -4.80
CA ASP A 322 -23.61 -5.89 -5.66
C ASP A 322 -22.59 -6.76 -4.93
N ALA A 323 -22.53 -6.62 -3.60
CA ALA A 323 -21.52 -7.33 -2.81
C ALA A 323 -21.58 -8.85 -2.95
N ASN A 324 -20.40 -9.45 -3.14
CA ASN A 324 -20.24 -10.90 -3.13
C ASN A 324 -21.02 -11.58 -4.25
N ASP A 325 -21.18 -10.89 -5.37
CA ASP A 325 -21.93 -11.47 -6.48
C ASP A 325 -21.08 -12.40 -7.36
N THR A 326 -21.70 -13.01 -8.37
CA THR A 326 -21.03 -13.99 -9.20
C THR A 326 -19.81 -13.40 -9.92
N ALA A 327 -19.97 -12.18 -10.43
CA ALA A 327 -18.87 -11.49 -11.12
C ALA A 327 -17.66 -11.25 -10.22
N GLN A 328 -17.90 -10.79 -8.99
CA GLN A 328 -16.81 -10.52 -8.06
C GLN A 328 -16.00 -11.77 -7.77
N PHE A 329 -16.68 -12.88 -7.54
CA PHE A 329 -15.99 -14.10 -7.15
C PHE A 329 -15.39 -14.85 -8.36
N ALA A 330 -15.95 -14.61 -9.54
CA ALA A 330 -15.33 -15.15 -10.76
C ALA A 330 -13.93 -14.57 -10.91
N GLU A 331 -13.83 -13.27 -10.71
CA GLU A 331 -12.55 -12.60 -10.81
C GLU A 331 -11.58 -13.07 -9.70
N LEU A 332 -12.10 -13.27 -8.50
CA LEU A 332 -11.28 -13.75 -7.37
C LEU A 332 -10.63 -15.09 -7.69
N LEU A 333 -11.39 -15.97 -8.32
CA LEU A 333 -10.85 -17.28 -8.74
C LEU A 333 -9.65 -17.10 -9.67
N THR A 334 -9.79 -16.22 -10.66
CA THR A 334 -8.71 -15.94 -11.61
C THR A 334 -7.52 -15.24 -10.94
N GLN A 335 -7.81 -14.34 -10.00
CA GLN A 335 -6.74 -13.75 -9.18
C GLN A 335 -5.87 -14.84 -8.57
N GLY A 336 -6.50 -15.91 -8.09
CA GLY A 336 -5.75 -17.02 -7.51
C GLY A 336 -4.86 -17.73 -8.52
N GLU A 337 -5.40 -17.98 -9.71
CA GLU A 337 -4.64 -18.57 -10.80
C GLU A 337 -3.43 -17.72 -11.15
N LEU A 338 -3.64 -16.41 -11.25
CA LEU A 338 -2.58 -15.49 -11.62
C LEU A 338 -1.52 -15.38 -10.53
N THR A 339 -1.95 -15.52 -9.28
CA THR A 339 -1.05 -15.49 -8.14
C THR A 339 -0.09 -16.69 -8.20
N ARG A 340 -0.65 -17.88 -8.37
CA ARG A 340 0.19 -19.08 -8.43
C ARG A 340 1.14 -19.03 -9.61
N ARG A 341 0.67 -18.51 -10.73
CA ARG A 341 1.52 -18.37 -11.92
C ARG A 341 2.68 -17.40 -11.68
N ALA A 342 2.39 -16.29 -11.01
CA ALA A 342 3.44 -15.32 -10.68
C ALA A 342 4.50 -15.93 -9.77
N TRP A 343 4.06 -16.70 -8.79
CA TRP A 343 4.97 -17.34 -7.85
C TRP A 343 5.94 -18.30 -8.54
N GLU A 344 5.50 -18.92 -9.64
CA GLU A 344 6.38 -19.81 -10.40
C GLU A 344 7.61 -19.08 -10.92
N LYS A 345 7.47 -17.78 -11.18
CA LYS A 345 8.57 -16.97 -11.68
C LYS A 345 9.15 -16.09 -10.58
N ASP A 346 8.80 -16.40 -9.33
CA ASP A 346 9.29 -15.69 -8.13
C ASP A 346 8.89 -14.21 -8.08
N VAL A 347 7.73 -13.89 -8.65
CA VAL A 347 7.21 -12.53 -8.57
C VAL A 347 6.34 -12.37 -7.33
N GLN A 348 6.61 -11.32 -6.55
CA GLN A 348 5.81 -11.04 -5.34
C GLN A 348 4.40 -10.57 -5.73
N VAL A 349 3.40 -11.07 -5.00
CA VAL A 349 2.00 -10.81 -5.32
C VAL A 349 1.16 -10.43 -4.10
N MET A 350 0.29 -9.42 -4.27
CA MET A 350 -0.87 -9.29 -3.39
C MET A 350 -2.13 -9.22 -4.26
N ASN A 351 -3.30 -9.38 -3.64
CA ASN A 351 -4.56 -9.37 -4.37
C ASN A 351 -5.43 -8.23 -3.86
N GLU A 352 -6.08 -7.52 -4.77
CA GLU A 352 -6.99 -6.45 -4.36
C GLU A 352 -8.41 -6.96 -4.15
N GLY A 353 -9.11 -6.33 -3.20
CA GLY A 353 -10.45 -6.76 -2.80
C GLY A 353 -11.46 -5.61 -2.74
N PRO A 354 -12.70 -5.91 -2.32
CA PRO A 354 -13.78 -4.92 -2.24
C PRO A 354 -13.42 -3.73 -1.35
N GLY A 355 -14.10 -2.58 -1.46
CA GLY A 355 -15.34 -2.42 -2.20
C GLY A 355 -16.45 -2.02 -1.24
N HIS A 356 -17.70 -2.22 -1.64
CA HIS A 356 -18.84 -2.00 -0.74
C HIS A 356 -19.35 -3.39 -0.35
N VAL A 357 -19.31 -3.72 0.94
CA VAL A 357 -19.70 -5.04 1.45
C VAL A 357 -20.33 -4.87 2.83
N PRO A 358 -21.58 -5.35 3.01
CA PRO A 358 -22.19 -5.23 4.33
C PRO A 358 -21.53 -6.21 5.31
N MET A 359 -21.60 -5.91 6.60
CA MET A 359 -20.76 -6.61 7.58
C MET A 359 -20.92 -8.14 7.58
N HIS A 360 -22.13 -8.62 7.33
CA HIS A 360 -22.36 -10.06 7.39
C HIS A 360 -21.75 -10.81 6.20
N LYS A 361 -21.40 -10.07 5.16
CA LYS A 361 -20.79 -10.66 3.97
C LYS A 361 -19.26 -10.58 3.98
N ILE A 362 -18.72 -9.89 4.98
CA ILE A 362 -17.26 -9.76 5.08
C ILE A 362 -16.53 -11.10 5.30
N PRO A 363 -17.01 -11.94 6.23
CA PRO A 363 -16.31 -13.22 6.43
C PRO A 363 -16.15 -14.06 5.16
N GLU A 364 -17.18 -14.14 4.31
CA GLU A 364 -17.10 -14.93 3.08
C GLU A 364 -15.96 -14.44 2.20
N ASN A 365 -15.78 -13.12 2.16
CA ASN A 365 -14.72 -12.53 1.37
C ASN A 365 -13.34 -13.04 1.77
N MET A 366 -13.09 -13.06 3.07
CA MET A 366 -11.79 -13.49 3.55
C MET A 366 -11.62 -15.00 3.40
N GLN A 367 -12.69 -15.75 3.65
CA GLN A 367 -12.63 -17.21 3.55
C GLN A 367 -12.23 -17.61 2.14
N LYS A 368 -12.92 -17.05 1.16
CA LYS A 368 -12.66 -17.39 -0.24
C LYS A 368 -11.29 -16.92 -0.71
N GLN A 369 -10.89 -15.72 -0.31
CA GLN A 369 -9.58 -15.23 -0.73
C GLN A 369 -8.44 -16.07 -0.16
N LEU A 370 -8.53 -16.40 1.13
CA LEU A 370 -7.46 -17.19 1.77
C LEU A 370 -7.29 -18.55 1.10
N GLU A 371 -8.42 -19.18 0.75
CA GLU A 371 -8.38 -20.50 0.13
C GLU A 371 -8.00 -20.41 -1.35
N TRP A 372 -8.70 -19.58 -2.11
CA TRP A 372 -8.50 -19.53 -3.56
C TRP A 372 -7.19 -18.87 -3.99
N CYS A 373 -6.62 -18.03 -3.15
CA CYS A 373 -5.39 -17.33 -3.52
C CYS A 373 -4.21 -17.74 -2.65
N ASN A 374 -4.36 -18.89 -1.97
CA ASN A 374 -3.23 -19.49 -1.26
C ASN A 374 -2.60 -18.54 -0.24
N GLU A 375 -3.44 -17.80 0.47
CA GLU A 375 -3.01 -16.89 1.54
C GLU A 375 -2.10 -15.74 1.08
N ALA A 376 -2.10 -15.40 -0.20
CA ALA A 376 -1.39 -14.20 -0.65
C ALA A 376 -1.96 -13.01 0.12
N PRO A 377 -1.14 -11.97 0.35
CA PRO A 377 -1.71 -10.83 1.08
C PRO A 377 -2.89 -10.19 0.36
N PHE A 378 -3.89 -9.75 1.11
CA PHE A 378 -5.12 -9.15 0.57
C PHE A 378 -5.09 -7.65 0.84
N TYR A 379 -5.65 -6.87 -0.08
CA TYR A 379 -5.53 -5.41 -0.11
C TYR A 379 -6.90 -4.84 -0.46
N THR A 380 -7.61 -4.32 0.54
CA THR A 380 -9.00 -3.90 0.33
C THR A 380 -9.15 -2.39 0.31
N LEU A 381 -10.24 -1.94 -0.31
CA LEU A 381 -10.65 -0.54 -0.25
C LEU A 381 -11.82 -0.50 0.71
N GLY A 382 -11.53 -0.28 1.98
CA GLY A 382 -12.57 -0.45 2.98
C GLY A 382 -12.60 -1.90 3.44
N PRO A 383 -13.75 -2.59 3.31
CA PRO A 383 -14.94 -2.15 2.56
C PRO A 383 -15.90 -1.20 3.25
N LEU A 384 -16.62 -0.42 2.46
CA LEU A 384 -17.72 0.37 2.99
C LEU A 384 -18.87 -0.54 3.40
N THR A 385 -19.38 -0.34 4.61
CA THR A 385 -20.39 -1.25 5.18
C THR A 385 -21.84 -0.77 4.96
N THR A 386 -21.97 0.44 4.41
CA THR A 386 -23.28 0.98 4.04
C THR A 386 -23.10 2.10 3.04
N ASP A 387 -24.12 2.32 2.20
CA ASP A 387 -24.05 3.35 1.17
C ASP A 387 -24.71 4.68 1.59
N ILE A 388 -25.27 4.73 2.80
CA ILE A 388 -26.19 5.83 3.15
C ILE A 388 -25.56 7.17 3.58
N ALA A 389 -24.24 7.22 3.68
CA ALA A 389 -23.60 8.40 4.27
C ALA A 389 -22.43 8.99 3.50
N PRO A 390 -22.65 9.35 2.22
CA PRO A 390 -21.56 10.07 1.52
C PRO A 390 -21.23 11.35 2.28
N GLY A 391 -19.93 11.64 2.41
CA GLY A 391 -19.45 12.69 3.28
C GLY A 391 -18.83 12.09 4.52
N TYR A 392 -19.12 10.82 4.77
CA TYR A 392 -18.62 10.11 5.95
C TYR A 392 -18.12 8.73 5.60
N ASP A 393 -17.65 8.54 4.37
CA ASP A 393 -17.26 7.20 3.97
C ASP A 393 -15.92 6.75 4.55
N HIS A 394 -15.20 7.67 5.19
CA HIS A 394 -14.06 7.26 6.00
C HIS A 394 -14.52 6.45 7.22
N ILE A 395 -15.72 6.74 7.70
CA ILE A 395 -16.30 6.04 8.83
C ILE A 395 -17.02 4.76 8.40
N THR A 396 -17.86 4.85 7.36
CA THR A 396 -18.55 3.66 6.89
C THR A 396 -17.55 2.58 6.48
N SER A 397 -16.41 3.00 5.93
CA SER A 397 -15.39 2.06 5.50
C SER A 397 -14.40 1.66 6.60
N ALA A 398 -14.19 2.52 7.60
CA ALA A 398 -13.34 2.15 8.73
C ALA A 398 -13.89 0.93 9.45
N ILE A 399 -15.22 0.87 9.58
CA ILE A 399 -15.87 -0.29 10.16
C ILE A 399 -15.55 -1.56 9.38
N GLY A 400 -15.64 -1.48 8.06
CA GLY A 400 -15.35 -2.61 7.21
C GLY A 400 -13.89 -2.99 7.20
N ALA A 401 -13.04 -1.98 7.14
CA ALA A 401 -11.60 -2.18 7.12
C ALA A 401 -11.11 -2.82 8.42
N ALA A 402 -11.65 -2.35 9.55
CA ALA A 402 -11.27 -2.95 10.82
C ALA A 402 -11.70 -4.42 10.86
N ASN A 403 -12.91 -4.70 10.41
CA ASN A 403 -13.40 -6.08 10.42
C ASN A 403 -12.65 -7.02 9.48
N ILE A 404 -12.41 -6.57 8.25
CA ILE A 404 -11.73 -7.44 7.31
C ILE A 404 -10.23 -7.54 7.66
N GLY A 405 -9.68 -6.48 8.26
CA GLY A 405 -8.33 -6.53 8.82
C GLY A 405 -8.20 -7.53 9.97
N ALA A 406 -9.20 -7.58 10.84
CA ALA A 406 -9.21 -8.53 11.95
C ALA A 406 -9.19 -9.96 11.45
N LEU A 407 -9.80 -10.17 10.28
CA LEU A 407 -9.87 -11.50 9.67
C LEU A 407 -8.62 -11.86 8.83
N GLY A 408 -7.71 -10.92 8.67
CA GLY A 408 -6.45 -11.24 8.00
C GLY A 408 -5.99 -10.35 6.87
N THR A 409 -6.80 -9.35 6.49
CA THR A 409 -6.41 -8.44 5.41
C THR A 409 -5.17 -7.64 5.79
N ALA A 410 -4.20 -7.56 4.86
CA ALA A 410 -2.85 -7.08 5.19
C ALA A 410 -2.61 -5.62 4.86
N LEU A 411 -3.31 -5.10 3.86
CA LEU A 411 -3.13 -3.71 3.46
C LEU A 411 -4.50 -3.09 3.23
N LEU A 412 -4.72 -1.92 3.83
CA LEU A 412 -6.00 -1.25 3.73
C LEU A 412 -5.84 0.04 2.92
N CYS A 413 -6.52 0.13 1.77
CA CYS A 413 -6.48 1.38 1.02
C CYS A 413 -7.44 2.36 1.68
N TYR A 414 -6.95 3.53 2.02
CA TYR A 414 -7.76 4.46 2.78
C TYR A 414 -8.94 5.03 1.96
N VAL A 415 -9.87 5.66 2.67
CA VAL A 415 -11.03 6.31 2.06
C VAL A 415 -11.21 7.61 2.83
N THR A 416 -11.38 8.73 2.12
CA THR A 416 -11.49 10.03 2.78
C THR A 416 -12.95 10.45 2.82
N PRO A 417 -13.28 11.51 3.60
CA PRO A 417 -14.66 11.98 3.63
C PRO A 417 -15.19 12.44 2.27
N LYS A 418 -14.29 12.70 1.31
CA LYS A 418 -14.69 13.12 -0.04
C LYS A 418 -15.02 11.97 -1.01
N GLU A 419 -14.89 10.73 -0.56
CA GLU A 419 -15.21 9.60 -1.42
C GLU A 419 -16.63 9.71 -2.00
N HIS A 420 -16.73 9.53 -3.32
CA HIS A 420 -17.98 9.61 -4.10
C HIS A 420 -18.42 11.05 -4.41
N LEU A 421 -17.64 12.03 -3.98
CA LEU A 421 -18.10 13.43 -4.00
C LEU A 421 -17.13 14.42 -4.67
N GLY A 422 -15.85 14.32 -4.36
CA GLY A 422 -14.88 15.25 -4.93
C GLY A 422 -13.44 14.92 -4.56
N LEU A 423 -12.53 15.86 -4.83
CA LEU A 423 -11.12 15.65 -4.54
C LEU A 423 -10.81 16.00 -3.09
N PRO A 424 -9.95 15.20 -2.43
CA PRO A 424 -9.62 15.46 -1.02
C PRO A 424 -8.61 16.59 -0.82
N ASN A 425 -8.90 17.50 0.11
CA ASN A 425 -7.91 18.48 0.51
C ASN A 425 -7.05 17.90 1.63
N ARG A 426 -6.13 18.68 2.19
N ARG A 426 -6.15 18.72 2.15
CA ARG A 426 -5.23 18.16 3.22
CA ARG A 426 -5.22 18.33 3.20
C ARG A 426 -5.97 17.71 4.47
C ARG A 426 -5.93 17.78 4.44
N ASP A 427 -7.02 18.43 4.84
CA ASP A 427 -7.83 18.02 5.98
C ASP A 427 -8.48 16.66 5.71
N ASP A 428 -8.96 16.47 4.50
CA ASP A 428 -9.60 15.22 4.11
C ASP A 428 -8.63 14.05 4.15
N VAL A 429 -7.43 14.27 3.60
CA VAL A 429 -6.40 13.24 3.58
C VAL A 429 -6.02 12.85 5.00
N LYS A 430 -5.82 13.84 5.87
CA LYS A 430 -5.50 13.55 7.26
C LYS A 430 -6.61 12.74 7.92
N ALA A 431 -7.86 13.14 7.67
CA ALA A 431 -9.00 12.43 8.27
C ALA A 431 -9.01 10.98 7.82
N GLY A 432 -8.68 10.76 6.56
CA GLY A 432 -8.69 9.42 5.99
C GLY A 432 -7.60 8.55 6.59
N VAL A 433 -6.39 9.11 6.68
CA VAL A 433 -5.27 8.33 7.21
C VAL A 433 -5.49 7.99 8.70
N ILE A 434 -5.98 8.94 9.48
CA ILE A 434 -6.25 8.70 10.89
C ILE A 434 -7.30 7.60 11.08
N ALA A 435 -8.39 7.68 10.32
CA ALA A 435 -9.44 6.65 10.39
C ALA A 435 -8.88 5.27 10.09
N TYR A 436 -7.98 5.21 9.12
CA TYR A 436 -7.41 3.93 8.72
C TYR A 436 -6.33 3.43 9.67
N LYS A 437 -5.61 4.33 10.33
CA LYS A 437 -4.67 3.90 11.36
C LYS A 437 -5.44 3.36 12.54
N ILE A 438 -6.60 3.95 12.83
CA ILE A 438 -7.48 3.41 13.86
C ILE A 438 -7.94 2.00 13.47
N ALA A 439 -8.44 1.83 12.26
CA ALA A 439 -8.92 0.51 11.82
C ALA A 439 -7.79 -0.53 11.85
N ALA A 440 -6.62 -0.13 11.38
CA ALA A 440 -5.48 -1.05 11.31
C ALA A 440 -5.03 -1.50 12.70
N HIS A 441 -4.97 -0.56 13.64
CA HIS A 441 -4.56 -0.90 14.99
C HIS A 441 -5.63 -1.71 15.73
N ALA A 442 -6.90 -1.40 15.49
CA ALA A 442 -7.99 -2.17 16.09
C ALA A 442 -7.91 -3.62 15.61
N ALA A 443 -7.55 -3.80 14.35
CA ALA A 443 -7.34 -5.13 13.80
C ALA A 443 -6.12 -5.81 14.45
N ASP A 444 -5.02 -5.08 14.62
CA ASP A 444 -3.85 -5.63 15.31
C ASP A 444 -4.25 -6.17 16.68
N LEU A 445 -5.04 -5.40 17.42
CA LEU A 445 -5.50 -5.83 18.74
C LEU A 445 -6.35 -7.10 18.64
N ALA A 446 -7.25 -7.12 17.66
CA ALA A 446 -8.17 -8.24 17.49
C ALA A 446 -7.43 -9.54 17.15
N LYS A 447 -6.30 -9.42 16.45
CA LYS A 447 -5.49 -10.58 16.08
C LYS A 447 -4.51 -10.96 17.18
N GLN A 448 -4.55 -10.20 18.28
CA GLN A 448 -3.60 -10.35 19.40
C GLN A 448 -2.15 -10.26 18.91
N HIS A 449 -1.91 -9.31 18.01
CA HIS A 449 -0.58 -9.13 17.48
C HIS A 449 0.33 -8.74 18.63
N PRO A 450 1.52 -9.36 18.73
CA PRO A 450 2.42 -9.11 19.85
C PRO A 450 2.70 -7.63 20.10
N HIS A 451 2.50 -7.22 21.35
CA HIS A 451 2.86 -5.90 21.84
C HIS A 451 1.93 -4.77 21.40
N ALA A 452 0.91 -5.09 20.61
CA ALA A 452 0.00 -4.06 20.10
C ALA A 452 -0.73 -3.33 21.22
N GLN A 453 -1.15 -4.06 22.24
CA GLN A 453 -1.92 -3.47 23.33
C GLN A 453 -1.08 -2.54 24.20
N ALA A 454 0.25 -2.65 24.10
CA ALA A 454 1.12 -1.78 24.91
C ALA A 454 0.87 -0.30 24.62
N TRP A 455 0.50 0.03 23.38
CA TRP A 455 0.19 1.39 23.00
C TRP A 455 -1.06 1.88 23.75
N ASP A 456 -2.13 1.11 23.64
CA ASP A 456 -3.37 1.42 24.36
C ASP A 456 -3.12 1.55 25.86
N ASP A 457 -2.30 0.65 26.40
CA ASP A 457 -2.08 0.61 27.84
C ASP A 457 -1.33 1.85 28.29
N ALA A 458 -0.34 2.27 27.50
CA ALA A 458 0.40 3.48 27.85
C ALA A 458 -0.51 4.71 27.86
N LEU A 459 -1.38 4.83 26.87
CA LEU A 459 -2.24 6.02 26.81
C LEU A 459 -3.24 5.97 27.97
N SER A 460 -3.81 4.80 28.22
CA SER A 460 -4.83 4.67 29.26
C SER A 460 -4.22 4.89 30.64
N LYS A 461 -2.97 4.50 30.80
CA LYS A 461 -2.27 4.75 32.06
C LYS A 461 -2.10 6.25 32.28
N ALA A 462 -1.70 6.96 31.23
CA ALA A 462 -1.59 8.43 31.31
C ALA A 462 -2.95 9.05 31.63
N ARG A 463 -4.00 8.49 31.05
CA ARG A 463 -5.36 8.97 31.29
C ARG A 463 -5.75 8.80 32.76
N PHE A 464 -5.51 7.61 33.30
CA PHE A 464 -5.90 7.32 34.68
C PHE A 464 -5.16 8.23 35.66
N GLU A 465 -3.92 8.56 35.30
CA GLU A 465 -3.03 9.28 36.20
C GLU A 465 -3.00 10.79 35.95
N PHE A 466 -3.86 11.25 35.05
CA PHE A 466 -3.98 12.66 34.70
C PHE A 466 -2.70 13.29 34.17
N ARG A 467 -1.90 12.47 33.48
CA ARG A 467 -0.74 12.95 32.75
C ARG A 467 -1.22 13.37 31.36
N TRP A 468 -1.89 14.52 31.30
CA TRP A 468 -2.55 14.97 30.07
C TRP A 468 -1.60 15.10 28.88
N MET A 469 -0.48 15.78 29.08
CA MET A 469 0.48 15.95 27.98
C MET A 469 0.95 14.60 27.46
N ASP A 470 1.15 13.64 28.37
CA ASP A 470 1.57 12.30 27.97
C ASP A 470 0.48 11.63 27.15
N GLN A 471 -0.77 11.75 27.61
CA GLN A 471 -1.90 11.19 26.87
C GLN A 471 -1.93 11.73 25.44
N PHE A 472 -1.79 13.04 25.31
CA PHE A 472 -1.85 13.65 23.97
C PHE A 472 -0.67 13.16 23.13
N ALA A 473 0.52 13.13 23.72
CA ALA A 473 1.73 12.78 22.99
C ALA A 473 1.69 11.36 22.46
N LEU A 474 0.98 10.49 23.18
CA LEU A 474 0.86 9.09 22.81
C LEU A 474 -0.21 8.82 21.76
N SER A 475 -1.01 9.82 21.44
CA SER A 475 -2.16 9.58 20.56
C SER A 475 -1.80 9.66 19.08
N LEU A 476 -2.75 9.26 18.22
CA LEU A 476 -2.50 9.27 16.78
C LEU A 476 -2.35 10.68 16.24
N ASP A 477 -2.97 11.63 16.92
CA ASP A 477 -3.00 13.01 16.46
C ASP A 477 -2.97 13.94 17.67
N PRO A 478 -1.76 14.14 18.21
CA PRO A 478 -1.59 14.87 19.47
C PRO A 478 -2.21 16.27 19.51
N MET A 479 -2.09 17.06 18.45
CA MET A 479 -2.57 18.43 18.53
C MET A 479 -4.09 18.57 18.50
N THR A 480 -4.76 17.61 17.87
CA THR A 480 -6.22 17.56 17.94
C THR A 480 -6.68 17.26 19.36
N ALA A 481 -6.08 16.26 19.99
CA ALA A 481 -6.42 15.91 21.36
C ALA A 481 -6.18 17.11 22.29
N MET A 482 -5.05 17.76 22.12
CA MET A 482 -4.68 18.87 23.00
C MET A 482 -5.62 20.05 22.79
N SER A 483 -5.93 20.37 21.54
CA SER A 483 -6.80 21.52 21.28
C SER A 483 -8.22 21.25 21.77
N PHE A 484 -8.69 20.01 21.59
CA PHE A 484 -10.04 19.64 22.04
C PHE A 484 -10.18 19.78 23.56
N HIS A 485 -9.10 19.46 24.27
CA HIS A 485 -9.10 19.52 25.73
C HIS A 485 -9.05 20.97 26.23
N ASP A 486 -8.39 21.83 25.47
CA ASP A 486 -8.12 23.20 25.91
C ASP A 486 -9.26 24.18 25.63
O1 HEZ B . 8.90 2.83 -22.77
C1 HEZ B . 9.97 2.26 -22.97
C2 HEZ B . 10.96 2.14 -21.86
C3 HEZ B . 12.28 2.08 -22.17
C4 HEZ B . 13.30 2.03 -21.07
C5 HEZ B . 14.75 1.90 -21.44
C6 HEZ B . 15.72 1.97 -20.32
O6 HEZ B . 17.03 2.17 -20.63
O1 HEZ C . -33.86 -1.99 -3.78
C1 HEZ C . -33.71 -3.00 -4.45
C2 HEZ C . -33.69 -2.92 -5.93
C3 HEZ C . -32.52 -3.07 -6.61
C4 HEZ C . -32.58 -3.68 -7.98
C5 HEZ C . -31.76 -3.06 -9.08
C6 HEZ C . -30.82 -3.93 -9.81
O6 HEZ C . -30.25 -3.48 -10.95
O1 HEZ D . 13.44 0.45 20.47
C1 HEZ D . 12.72 0.50 19.47
C2 HEZ D . 12.67 -0.68 18.57
C3 HEZ D . 12.26 -0.55 17.29
C4 HEZ D . 10.94 0.11 17.00
C5 HEZ D . 10.02 -0.50 15.97
C6 HEZ D . 9.20 0.42 15.15
O6 HEZ D . 8.99 0.09 13.85
CO CO E . -17.58 3.33 -4.02
#